data_7EKA
#
_entry.id   7EKA
#
_cell.length_a   69.344
_cell.length_b   69.344
_cell.length_c   59.553
_cell.angle_alpha   90.00
_cell.angle_beta   90.00
_cell.angle_gamma   120.00
#
_symmetry.space_group_name_H-M   'P 64'
#
loop_
_entity.id
_entity.type
_entity.pdbx_description
1 polymer Alpha-lactalbumin
2 non-polymer 2-(3,4,5-TRIHYDROXY-PHENYL)-CHROMAN-3,5,7-TRIOL
3 water water
#
_entity_poly.entity_id   1
_entity_poly.type   'polypeptide(L)'
_entity_poly.pdbx_seq_one_letter_code
;EQLTKCEVFRELKDLKGYGGVSLPEWVCTTFHTSGYDTQAIVQNNDSTEYGLFQINNKIWCKDDQNPHSSNICNISCDKF
LDDDLTDDIMCVKKILDKVGINYWLAHKALCSEKLDQWLCE
;
_entity_poly.pdbx_strand_id   A
#
loop_
_chem_comp.id
_chem_comp.type
_chem_comp.name
_chem_comp.formula
EGT non-polymer 2-(3,4,5-TRIHYDROXY-PHENYL)-CHROMAN-3,5,7-TRIOL 'C15 H14 O7'
#
# COMPACT_ATOMS: atom_id res chain seq x y z
N GLU A 1 -11.02 -8.53 1.02
CA GLU A 1 -10.76 -9.18 2.32
C GLU A 1 -10.46 -8.09 3.33
N GLN A 2 -11.08 -8.19 4.49
CA GLN A 2 -10.83 -7.29 5.60
C GLN A 2 -9.82 -7.98 6.51
N LEU A 3 -8.56 -7.58 6.42
CA LEU A 3 -7.52 -8.26 7.16
C LEU A 3 -7.47 -7.79 8.60
N THR A 4 -7.02 -8.67 9.49
CA THR A 4 -6.71 -8.27 10.84
C THR A 4 -5.29 -7.68 10.89
N LYS A 5 -5.01 -6.99 11.99
CA LYS A 5 -3.70 -6.39 12.20
C LYS A 5 -2.59 -7.39 11.99
N CYS A 6 -2.69 -8.58 12.59
CA CYS A 6 -1.59 -9.52 12.54
C CYS A 6 -1.62 -10.39 11.30
N GLU A 7 -2.73 -10.41 10.58
CA GLU A 7 -2.69 -10.95 9.23
C GLU A 7 -1.88 -10.02 8.31
N VAL A 8 -2.03 -8.71 8.47
CA VAL A 8 -1.20 -7.77 7.72
C VAL A 8 0.26 -7.95 8.07
N PHE A 9 0.56 -8.04 9.37
CA PHE A 9 1.93 -8.25 9.84
C PHE A 9 2.54 -9.46 9.17
N ARG A 10 1.80 -10.57 9.14
CA ARG A 10 2.30 -11.78 8.52
C ARG A 10 2.48 -11.61 7.01
N GLU A 11 1.47 -11.08 6.33
CA GLU A 11 1.50 -11.04 4.87
C GLU A 11 2.49 -10.01 4.33
N LEU A 12 2.91 -9.03 5.14
CA LEU A 12 3.86 -8.03 4.68
C LEU A 12 5.31 -8.36 5.05
N LYS A 13 5.58 -9.61 5.42
CA LYS A 13 6.93 -10.04 5.78
C LYS A 13 8.00 -9.51 4.82
N ASP A 14 7.76 -9.58 3.52
CA ASP A 14 8.82 -9.22 2.57
C ASP A 14 9.11 -7.73 2.50
N LEU A 15 8.31 -6.89 3.15
CA LEU A 15 8.62 -5.48 3.27
C LEU A 15 9.48 -5.16 4.48
N LYS A 16 9.69 -6.11 5.39
CA LYS A 16 10.35 -5.79 6.67
C LYS A 16 11.74 -5.20 6.44
N GLY A 17 11.91 -3.96 6.87
CA GLY A 17 13.20 -3.29 6.78
C GLY A 17 13.50 -2.65 5.44
N TYR A 18 12.77 -2.97 4.38
CA TYR A 18 13.10 -2.47 3.05
C TYR A 18 12.94 -0.96 3.04
N GLY A 19 13.97 -0.27 2.56
CA GLY A 19 13.91 1.18 2.54
C GLY A 19 13.89 1.80 3.91
N GLY A 20 14.27 1.06 4.94
CA GLY A 20 14.27 1.57 6.30
C GLY A 20 12.93 1.56 7.00
N VAL A 21 11.92 0.91 6.44
CA VAL A 21 10.58 0.89 7.01
C VAL A 21 10.37 -0.44 7.73
N SER A 22 10.03 -0.36 9.02
CA SER A 22 9.84 -1.57 9.80
C SER A 22 8.44 -2.15 9.55
N LEU A 23 8.26 -3.37 10.00
CA LEU A 23 6.99 -4.02 9.81
C LEU A 23 5.93 -3.37 10.69
N PRO A 24 6.19 -3.03 11.96
CA PRO A 24 5.17 -2.26 12.71
C PRO A 24 4.80 -0.97 12.01
N GLU A 25 5.77 -0.29 11.42
CA GLU A 25 5.44 0.92 10.67
C GLU A 25 4.48 0.64 9.52
N TRP A 26 4.69 -0.47 8.81
CA TRP A 26 3.79 -0.80 7.70
C TRP A 26 2.41 -1.22 8.19
N VAL A 27 2.35 -1.92 9.33
CA VAL A 27 1.07 -2.33 9.88
C VAL A 27 0.25 -1.11 10.28
N CYS A 28 0.90 -0.12 10.87
CA CYS A 28 0.25 1.14 11.19
C CYS A 28 -0.13 1.91 9.93
N THR A 29 0.79 1.99 8.96
CA THR A 29 0.56 2.82 7.79
C THR A 29 -0.59 2.28 6.96
N THR A 30 -0.62 0.96 6.72
CA THR A 30 -1.73 0.40 5.97
C THR A 30 -3.05 0.58 6.70
N PHE A 31 -3.07 0.47 8.04
CA PHE A 31 -4.32 0.66 8.75
C PHE A 31 -4.90 2.03 8.46
N HIS A 32 -4.05 3.05 8.46
CA HIS A 32 -4.49 4.42 8.25
C HIS A 32 -4.54 4.83 6.80
N THR A 33 -4.25 3.91 5.88
CA THR A 33 -4.31 4.13 4.44
C THR A 33 -5.56 3.51 3.83
N SER A 34 -5.81 2.23 4.15
CA SER A 34 -6.94 1.49 3.60
C SER A 34 -7.82 0.87 4.66
N GLY A 35 -7.49 1.00 5.94
CA GLY A 35 -8.20 0.31 6.98
C GLY A 35 -8.12 -1.20 6.87
N TYR A 36 -7.10 -1.74 6.21
CA TYR A 36 -6.88 -3.17 6.04
C TYR A 36 -7.82 -3.82 5.05
N ASP A 37 -8.53 -3.03 4.23
CA ASP A 37 -9.43 -3.55 3.22
C ASP A 37 -8.68 -3.70 1.90
N THR A 38 -8.45 -4.94 1.47
CA THR A 38 -7.75 -5.17 0.22
C THR A 38 -8.56 -4.72 -0.99
N GLN A 39 -9.85 -4.47 -0.81
CA GLN A 39 -10.75 -4.03 -1.87
C GLN A 39 -11.09 -2.55 -1.79
N ALA A 40 -10.41 -1.79 -0.94
CA ALA A 40 -10.69 -0.37 -0.87
C ALA A 40 -10.38 0.32 -2.18
N ILE A 41 -11.29 1.20 -2.61
CA ILE A 41 -11.09 2.05 -3.77
C ILE A 41 -11.47 3.47 -3.37
N VAL A 42 -10.55 4.42 -3.57
CA VAL A 42 -10.81 5.83 -3.33
C VAL A 42 -10.65 6.55 -4.65
N GLN A 43 -11.64 7.35 -5.02
CA GLN A 43 -11.60 7.94 -6.34
C GLN A 43 -12.12 9.37 -6.36
N ASN A 44 -11.65 10.13 -7.34
CA ASN A 44 -12.36 11.31 -7.79
C ASN A 44 -12.35 11.28 -9.32
N ASN A 45 -12.75 12.38 -9.96
CA ASN A 45 -12.85 12.37 -11.42
C ASN A 45 -11.48 12.32 -12.09
N ASP A 46 -10.40 12.53 -11.35
CA ASP A 46 -9.04 12.55 -11.89
C ASP A 46 -8.30 11.23 -11.71
N SER A 47 -8.43 10.58 -10.55
CA SER A 47 -7.59 9.44 -10.25
C SER A 47 -8.30 8.49 -9.31
N THR A 48 -7.76 7.28 -9.24
CA THR A 48 -8.28 6.21 -8.41
C THR A 48 -7.11 5.53 -7.71
N GLU A 49 -7.32 5.16 -6.45
CA GLU A 49 -6.34 4.49 -5.63
C GLU A 49 -6.89 3.15 -5.16
N TYR A 50 -6.03 2.12 -5.14
CA TYR A 50 -6.49 0.75 -5.07
C TYR A 50 -5.82 -0.04 -3.96
N GLY A 51 -6.63 -0.79 -3.23
CA GLY A 51 -6.16 -1.85 -2.38
C GLY A 51 -5.58 -1.40 -1.05
N LEU A 52 -4.91 -2.35 -0.42
CA LEU A 52 -4.37 -2.19 0.92
C LEU A 52 -3.43 -0.99 1.01
N PHE A 53 -2.66 -0.75 -0.05
CA PHE A 53 -1.67 0.32 -0.09
C PHE A 53 -2.16 1.55 -0.82
N GLN A 54 -3.36 1.53 -1.40
CA GLN A 54 -3.93 2.69 -2.09
C GLN A 54 -2.97 3.21 -3.16
N ILE A 55 -2.61 2.30 -4.06
CA ILE A 55 -1.71 2.58 -5.17
C ILE A 55 -2.51 3.24 -6.28
N ASN A 56 -2.00 4.36 -6.82
CA ASN A 56 -2.79 5.16 -7.75
C ASN A 56 -2.58 4.82 -9.21
N ASN A 57 -3.58 5.19 -10.00
CA ASN A 57 -3.59 4.98 -11.43
C ASN A 57 -3.07 6.17 -12.22
N LYS A 58 -2.44 7.14 -11.57
CA LYS A 58 -1.82 8.24 -12.28
C LYS A 58 -0.51 7.78 -12.89
N ILE A 59 0.33 7.14 -12.09
CA ILE A 59 1.63 6.72 -12.58
C ILE A 59 2.02 5.30 -12.22
N TRP A 60 1.31 4.63 -11.30
CA TRP A 60 1.80 3.33 -10.80
C TRP A 60 1.19 2.13 -11.50
N CYS A 61 -0.10 2.16 -11.80
CA CYS A 61 -0.77 1.04 -12.47
C CYS A 61 -1.74 1.58 -13.50
N LYS A 62 -2.19 0.70 -14.40
CA LYS A 62 -3.08 1.07 -15.49
C LYS A 62 -4.50 0.62 -15.18
N ASP A 63 -5.47 1.45 -15.53
CA ASP A 63 -6.88 1.06 -15.42
C ASP A 63 -7.71 1.76 -16.50
N ASP A 64 -9.03 1.60 -16.43
CA ASP A 64 -9.92 2.17 -17.44
C ASP A 64 -10.04 3.69 -17.32
N GLN A 65 -9.93 4.22 -16.11
CA GLN A 65 -10.03 5.67 -15.95
C GLN A 65 -8.84 6.38 -16.58
N ASN A 66 -7.65 5.81 -16.44
CA ASN A 66 -6.41 6.41 -16.95
C ASN A 66 -5.62 5.35 -17.70
N PRO A 67 -6.08 4.99 -18.90
CA PRO A 67 -5.35 3.96 -19.67
C PRO A 67 -3.96 4.38 -20.10
N HIS A 68 -3.65 5.67 -20.08
CA HIS A 68 -2.33 6.17 -20.46
C HIS A 68 -1.46 6.48 -19.24
N SER A 69 -1.80 5.91 -18.09
CA SER A 69 -0.92 5.95 -16.92
C SER A 69 0.48 5.53 -17.34
N SER A 70 1.51 6.15 -16.73
CA SER A 70 2.87 5.69 -16.94
C SER A 70 3.04 4.22 -16.54
N ASN A 71 2.21 3.75 -15.60
CA ASN A 71 2.18 2.33 -15.26
C ASN A 71 3.56 1.82 -14.88
N ILE A 72 4.20 2.50 -13.93
CA ILE A 72 5.54 2.14 -13.52
C ILE A 72 5.61 0.71 -13.02
N CYS A 73 4.56 0.25 -12.34
CA CYS A 73 4.55 -1.12 -11.83
C CYS A 73 4.18 -2.15 -12.88
N ASN A 74 3.85 -1.72 -14.09
CA ASN A 74 3.61 -2.58 -15.24
C ASN A 74 2.54 -3.62 -14.93
N ILE A 75 1.36 -3.14 -14.54
CA ILE A 75 0.32 -4.03 -14.01
C ILE A 75 -1.01 -3.31 -14.07
N SER A 76 -2.07 -4.09 -14.26
CA SER A 76 -3.41 -3.57 -14.10
C SER A 76 -3.70 -3.30 -12.62
N CYS A 77 -4.31 -2.15 -12.35
CA CYS A 77 -4.66 -1.81 -10.98
C CYS A 77 -5.56 -2.86 -10.36
N ASP A 78 -6.31 -3.59 -11.18
CA ASP A 78 -7.21 -4.62 -10.66
C ASP A 78 -6.47 -5.67 -9.85
N LYS A 79 -5.18 -5.90 -10.14
CA LYS A 79 -4.40 -6.87 -9.40
C LYS A 79 -4.11 -6.43 -7.96
N PHE A 80 -4.41 -5.18 -7.64
CA PHE A 80 -4.24 -4.69 -6.29
C PHE A 80 -5.51 -4.81 -5.46
N LEU A 81 -6.54 -5.49 -5.97
CA LEU A 81 -7.79 -5.64 -5.25
C LEU A 81 -8.03 -7.07 -4.80
N ASP A 82 -7.13 -7.97 -5.11
CA ASP A 82 -7.30 -9.36 -4.75
C ASP A 82 -6.59 -9.67 -3.44
N ASP A 83 -6.64 -10.94 -3.02
CA ASP A 83 -6.11 -11.30 -1.72
C ASP A 83 -4.61 -11.53 -1.73
N ASP A 84 -3.99 -11.70 -2.89
CA ASP A 84 -2.56 -12.00 -2.97
C ASP A 84 -1.80 -10.68 -3.02
N LEU A 85 -1.04 -10.40 -1.97
CA LEU A 85 -0.34 -9.13 -1.87
C LEU A 85 1.05 -9.18 -2.48
N THR A 86 1.43 -10.28 -3.12
CA THR A 86 2.78 -10.39 -3.68
C THR A 86 3.04 -9.26 -4.69
N ASP A 87 2.10 -9.02 -5.61
CA ASP A 87 2.32 -7.98 -6.62
C ASP A 87 2.17 -6.56 -6.07
N ASP A 88 1.15 -6.30 -5.27
CA ASP A 88 1.15 -5.19 -4.32
C ASP A 88 2.54 -4.82 -3.79
N ILE A 89 3.17 -5.76 -3.09
CA ILE A 89 4.43 -5.50 -2.43
C ILE A 89 5.51 -5.16 -3.44
N MET A 90 5.54 -5.84 -4.57
CA MET A 90 6.51 -5.48 -5.60
C MET A 90 6.36 -4.03 -6.01
N CYS A 91 5.11 -3.58 -6.16
CA CYS A 91 4.87 -2.20 -6.55
C CYS A 91 5.24 -1.22 -5.43
N VAL A 92 4.90 -1.56 -4.19
CA VAL A 92 5.30 -0.75 -3.04
C VAL A 92 6.80 -0.52 -3.03
N LYS A 93 7.59 -1.55 -3.34
CA LYS A 93 9.03 -1.39 -3.37
C LYS A 93 9.46 -0.38 -4.43
N LYS A 94 8.80 -0.39 -5.60
CA LYS A 94 9.13 0.61 -6.61
C LYS A 94 8.74 2.00 -6.15
N ILE A 95 7.62 2.14 -5.45
CA ILE A 95 7.24 3.43 -4.89
C ILE A 95 8.31 3.89 -3.90
N LEU A 96 8.74 3.01 -3.01
CA LEU A 96 9.77 3.38 -2.06
C LEU A 96 11.06 3.74 -2.78
N ASP A 97 11.38 3.05 -3.88
CA ASP A 97 12.60 3.33 -4.62
C ASP A 97 12.60 4.72 -5.24
N LYS A 98 11.43 5.23 -5.64
CA LYS A 98 11.33 6.43 -6.43
C LYS A 98 10.86 7.65 -5.64
N VAL A 99 9.82 7.52 -4.83
CA VAL A 99 9.31 8.64 -4.06
C VAL A 99 9.33 8.42 -2.56
N GLY A 100 9.63 7.24 -2.11
CA GLY A 100 9.79 6.97 -0.70
C GLY A 100 8.48 6.84 0.07
N ILE A 101 8.62 6.75 1.39
CA ILE A 101 7.51 6.42 2.28
C ILE A 101 6.48 7.54 2.32
N ASN A 102 6.83 8.77 1.97
CA ASN A 102 5.87 9.85 2.05
C ASN A 102 4.84 9.85 0.93
N TYR A 103 4.90 8.88 0.00
CA TYR A 103 3.72 8.57 -0.79
C TYR A 103 2.52 8.34 0.12
N TRP A 104 2.74 7.74 1.29
CA TRP A 104 1.70 7.43 2.27
C TRP A 104 1.70 8.55 3.30
N LEU A 105 0.77 9.49 3.15
CA LEU A 105 0.74 10.64 4.07
C LEU A 105 0.44 10.20 5.50
N ALA A 106 -0.18 9.04 5.69
CA ALA A 106 -0.43 8.57 7.04
C ALA A 106 0.85 8.25 7.80
N HIS A 107 1.95 7.96 7.11
CA HIS A 107 3.14 7.48 7.82
C HIS A 107 3.70 8.55 8.75
N LYS A 108 3.95 9.74 8.24
CA LYS A 108 4.50 10.79 9.09
C LYS A 108 3.51 11.19 10.18
N ALA A 109 2.23 11.28 9.82
CA ALA A 109 1.25 11.85 10.73
C ALA A 109 0.91 10.90 11.88
N LEU A 110 0.88 9.61 11.62
CA LEU A 110 0.25 8.63 12.48
C LEU A 110 1.16 7.48 12.87
N CYS A 111 2.30 7.29 12.18
CA CYS A 111 3.07 6.08 12.31
C CYS A 111 4.55 6.36 12.51
N SER A 112 4.87 7.51 13.08
CA SER A 112 6.22 7.85 13.49
C SER A 112 6.34 7.88 15.02
N GLU A 113 5.46 7.18 15.73
CA GLU A 113 5.43 7.16 17.18
C GLU A 113 4.42 6.11 17.63
N LYS A 114 4.60 5.62 18.86
CA LYS A 114 3.67 4.65 19.46
C LYS A 114 3.55 3.39 18.60
N LEU A 115 4.70 2.92 18.09
CA LEU A 115 4.65 1.73 17.26
C LEU A 115 4.31 0.49 18.07
N ASP A 116 4.27 0.59 19.40
CA ASP A 116 3.94 -0.59 20.19
C ASP A 116 2.46 -0.97 20.11
N GLN A 117 1.63 -0.21 19.39
CA GLN A 117 0.28 -0.64 19.07
C GLN A 117 0.24 -1.66 17.95
N TRP A 118 1.36 -1.86 17.24
CA TRP A 118 1.35 -2.54 15.95
C TRP A 118 2.21 -3.79 15.96
N LEU A 119 2.28 -4.47 17.10
CA LEU A 119 3.14 -5.62 17.29
C LEU A 119 2.33 -6.90 17.31
N CYS A 120 2.98 -7.97 16.84
CA CYS A 120 2.39 -9.30 16.75
C CYS A 120 3.40 -10.34 17.19
N GLU A 121 2.94 -11.32 17.94
CA GLU A 121 3.74 -12.47 18.35
C GLU A 121 3.49 -13.60 17.35
O1 EGT B . 0.40 -13.12 14.58
C2 EGT B . -0.88 -13.58 14.97
C3 EGT B . -0.83 -15.10 15.22
C4 EGT B . -0.46 -15.75 13.91
C5 EGT B . 0.89 -15.23 13.48
C6 EGT B . 1.26 -15.65 12.05
C7 EGT B . 2.59 -15.14 11.60
C8 EGT B . 3.19 -13.96 12.32
C9 EGT B . 2.19 -13.06 13.03
C10 EGT B . 0.87 -13.73 13.41
C11 EGT B . -1.24 -12.83 16.22
C12 EGT B . -2.69 -12.78 16.61
C13 EGT B . -3.02 -12.13 17.69
C14 EGT B . -2.00 -11.46 18.51
C15 EGT B . -0.75 -11.49 18.16
C16 EGT B . -0.33 -12.23 16.93
O17 EGT B . 0.08 -15.48 16.22
O18 EGT B . 1.17 -17.04 11.89
O19 EGT B . 3.93 -13.15 11.43
O20 EGT B . -4.32 -12.03 18.16
O21 EGT B . -2.44 -10.80 19.65
O22 EGT B . 0.25 -10.87 18.90
HC2 EGT B . -1.63 -13.42 14.20
HC3 EGT B . -1.80 -15.42 15.59
HC41 EGT B . -1.20 -15.51 13.15
HC42 EGT B . -0.41 -16.83 14.03
HC7 EGT B . 3.30 -15.95 11.69
HC7 EGT B . 2.52 -14.88 10.56
HC9 EGT B . 2.66 -12.69 13.93
HC9 EGT B . 1.97 -12.21 12.37
H12 EGT B . -3.45 -13.27 16.00
H16 EGT B . 0.71 -12.27 16.63
H17 EGT B . 0.60 -16.19 15.90
H18 EGT B . 0.41 -17.25 11.37
H19 EGT B . 4.72 -12.86 11.84
H20 EGT B . -4.61 -12.88 18.44
H21 EGT B . -1.95 -10.00 19.77
H22 EGT B . 0.41 -11.38 19.69
#